data_4K5A
#
_entry.id   4K5A
#
_cell.length_a   110.700
_cell.length_b   42.600
_cell.length_c   76.700
_cell.angle_alpha   90.000
_cell.angle_beta   110.800
_cell.angle_gamma   90.000
#
_symmetry.space_group_name_H-M   'C 1 2 1'
#
loop_
_entity.id
_entity.type
_entity.pdbx_description
1 polymer 'Bcl-2-like protein 2'
2 polymer 'Designed Ankyrin Repeat Protein 013_D12'
3 water water
#
loop_
_entity_poly.entity_id
_entity_poly.type
_entity_poly.pdbx_seq_one_letter_code
_entity_poly.pdbx_strand_id
1 'polypeptide(L)'
;MRGSHHHHHHGSATPASAPDTRALVADFVGYKLRQKGYVCGAGPGEGPAADPLHQAMRAAGDEFETRFRRTFSDLAAQLH
VTPGSAQQRFTQVSDELFQGGPNWGRLVAFFVFGAALCAESVNKEMEVLVGQVQEWMVAYLETRLADWIHSSGGWAEFTA
LYGDGALEEARRLREGNWASVREA
;
A
2 'polypeptide(L)'
;MRGSHHHHHHGSDLGKKLLEAANVGQHDEVRILMANGADVNAADKYGDTPLHLAAMNGHLEIVEVLLKTGADVNAVDFMG
RTPLHLAADNGHLEIVEVLLKHGADVNAQAFWGKTPLHLAAQQGHLEIVEVLLKHGADVNAQDKFGKTPFDLAIDNGNED
IAEVLQKAA
;
B
#
# COMPACT_ATOMS: atom_id res chain seq x y z
N HIS A 5 -7.34 -45.80 -27.68
CA HIS A 5 -6.27 -46.76 -27.38
C HIS A 5 -5.18 -46.14 -26.50
N HIS A 6 -5.31 -44.85 -26.23
CA HIS A 6 -4.44 -44.20 -25.26
C HIS A 6 -5.17 -44.14 -23.93
N HIS A 7 -4.77 -45.01 -23.00
CA HIS A 7 -5.51 -45.17 -21.74
C HIS A 7 -5.01 -44.25 -20.65
N HIS A 8 -5.95 -43.65 -19.93
CA HIS A 8 -5.64 -42.64 -18.93
C HIS A 8 -4.87 -43.22 -17.76
N HIS A 9 -3.87 -42.48 -17.31
CA HIS A 9 -3.13 -42.84 -16.12
C HIS A 9 -3.74 -42.14 -14.93
N HIS A 10 -4.29 -42.91 -14.00
CA HIS A 10 -4.88 -42.37 -12.79
C HIS A 10 -3.80 -42.22 -11.74
N GLY A 11 -3.06 -41.12 -11.83
CA GLY A 11 -1.92 -40.91 -10.96
C GLY A 11 -2.30 -40.66 -9.52
N SER A 12 -1.39 -41.02 -8.62
CA SER A 12 -1.57 -40.72 -7.20
C SER A 12 -1.26 -39.26 -6.94
N ALA A 13 -1.59 -38.79 -5.75
CA ALA A 13 -1.41 -37.38 -5.40
C ALA A 13 0.08 -36.98 -5.36
N THR A 14 0.35 -35.78 -5.84
CA THR A 14 1.66 -35.15 -5.68
C THR A 14 1.45 -33.86 -4.90
N PRO A 15 1.60 -33.92 -3.58
CA PRO A 15 1.28 -32.81 -2.66
C PRO A 15 2.01 -31.51 -2.99
N ALA A 16 3.25 -31.61 -3.46
CA ALA A 16 4.06 -30.42 -3.69
C ALA A 16 3.68 -29.70 -4.99
N SER A 17 2.88 -30.36 -5.82
CA SER A 17 2.48 -29.81 -7.11
C SER A 17 1.56 -28.60 -6.95
N ALA A 18 1.81 -27.55 -7.73
CA ALA A 18 1.02 -26.31 -7.68
C ALA A 18 1.32 -25.50 -8.92
N PRO A 19 0.96 -26.02 -10.11
CA PRO A 19 1.45 -25.40 -11.34
C PRO A 19 0.85 -24.02 -11.62
N ASP A 20 -0.45 -23.84 -11.36
CA ASP A 20 -1.08 -22.56 -11.64
C ASP A 20 -0.61 -21.48 -10.66
N THR A 21 -0.51 -21.83 -9.39
CA THR A 21 0.00 -20.88 -8.40
C THR A 21 1.45 -20.49 -8.70
N ARG A 22 2.28 -21.47 -9.02
CA ARG A 22 3.67 -21.18 -9.39
C ARG A 22 3.76 -20.23 -10.60
N ALA A 23 2.96 -20.49 -11.62
CA ALA A 23 3.01 -19.66 -12.84
C ALA A 23 2.54 -18.22 -12.56
N LEU A 24 1.50 -18.08 -11.74
CA LEU A 24 0.99 -16.75 -11.37
C LEU A 24 2.02 -15.97 -10.55
N VAL A 25 2.58 -16.60 -9.53
CA VAL A 25 3.59 -15.94 -8.70
C VAL A 25 4.80 -15.55 -9.55
N ALA A 26 5.25 -16.47 -10.40
CA ALA A 26 6.42 -16.23 -11.23
C ALA A 26 6.17 -15.10 -12.22
N ASP A 27 4.97 -15.06 -12.80
CA ASP A 27 4.67 -13.99 -13.74
C ASP A 27 4.68 -12.63 -13.07
N PHE A 28 3.97 -12.52 -11.95
CA PHE A 28 3.87 -11.23 -11.27
C PHE A 28 5.22 -10.73 -10.76
N VAL A 29 5.95 -11.59 -10.08
CA VAL A 29 7.27 -11.22 -9.58
C VAL A 29 8.22 -10.87 -10.73
N GLY A 30 8.23 -11.68 -11.79
CA GLY A 30 9.06 -11.39 -12.94
C GLY A 30 8.70 -10.07 -13.60
N TYR A 31 7.41 -9.81 -13.71
CA TYR A 31 6.90 -8.56 -14.28
C TYR A 31 7.36 -7.37 -13.45
N LYS A 32 7.22 -7.47 -12.15
CA LYS A 32 7.61 -6.40 -11.25
C LYS A 32 9.13 -6.18 -11.23
N LEU A 33 9.90 -7.26 -11.25
CA LEU A 33 11.36 -7.13 -11.24
C LEU A 33 11.86 -6.41 -12.50
N ARG A 34 11.23 -6.69 -13.64
CA ARG A 34 11.59 -6.00 -14.88
C ARG A 34 11.13 -4.55 -14.85
N GLN A 35 9.93 -4.33 -14.34
CA GLN A 35 9.39 -2.99 -14.19
C GLN A 35 10.28 -2.09 -13.33
N LYS A 36 10.89 -2.67 -12.29
CA LYS A 36 11.71 -1.89 -11.38
CA LYS A 36 11.72 -1.88 -11.37
C LYS A 36 13.18 -1.84 -11.79
N GLY A 37 13.51 -2.51 -12.89
CA GLY A 37 14.87 -2.48 -13.41
C GLY A 37 15.84 -3.43 -12.74
N TYR A 38 15.33 -4.47 -12.10
CA TYR A 38 16.20 -5.42 -11.42
C TYR A 38 16.49 -6.68 -12.24
N VAL A 39 15.61 -6.97 -13.18
CA VAL A 39 15.79 -8.11 -14.07
C VAL A 39 15.59 -7.62 -15.51
N CYS A 40 16.43 -8.13 -16.42
CA CYS A 40 16.28 -7.86 -17.85
C CYS A 40 16.31 -9.16 -18.64
N GLY A 41 15.48 -9.23 -19.67
CA GLY A 41 15.55 -10.33 -20.61
C GLY A 41 14.45 -11.34 -20.44
N ALA A 42 14.63 -12.50 -21.07
CA ALA A 42 13.63 -13.54 -21.11
C ALA A 42 13.38 -14.20 -19.76
N GLY A 43 12.21 -14.81 -19.64
CA GLY A 43 11.82 -15.48 -18.42
C GLY A 43 10.40 -15.10 -18.06
N PRO A 44 9.85 -15.69 -17.00
CA PRO A 44 8.47 -15.36 -16.63
C PRO A 44 8.33 -13.87 -16.35
N GLY A 45 7.25 -13.27 -16.85
CA GLY A 45 6.99 -11.87 -16.61
C GLY A 45 7.49 -10.95 -17.70
N GLU A 46 8.26 -11.48 -18.65
CA GLU A 46 8.73 -10.72 -19.80
C GLU A 46 7.65 -10.66 -20.88
N GLY A 47 7.40 -9.46 -21.40
CA GLY A 47 6.38 -9.27 -22.43
C GLY A 47 4.98 -9.36 -21.85
N PRO A 48 3.96 -9.29 -22.72
CA PRO A 48 2.56 -9.29 -22.29
C PRO A 48 2.18 -10.57 -21.54
N ALA A 49 1.21 -10.45 -20.64
CA ALA A 49 0.71 -11.60 -19.91
C ALA A 49 -0.01 -12.54 -20.86
N ALA A 50 0.28 -13.84 -20.74
CA ALA A 50 -0.28 -14.85 -21.64
C ALA A 50 -1.40 -15.65 -20.98
N ASP A 51 -2.02 -15.06 -19.97
CA ASP A 51 -3.11 -15.69 -19.23
C ASP A 51 -3.88 -14.55 -18.58
N PRO A 52 -5.22 -14.56 -18.71
CA PRO A 52 -6.01 -13.44 -18.17
C PRO A 52 -5.85 -13.27 -16.65
N LEU A 53 -5.57 -14.35 -15.93
CA LEU A 53 -5.34 -14.26 -14.49
C LEU A 53 -4.06 -13.48 -14.22
N HIS A 54 -3.02 -13.78 -15.01
CA HIS A 54 -1.76 -13.06 -14.86
C HIS A 54 -1.93 -11.58 -15.19
N GLN A 55 -2.66 -11.25 -16.25
CA GLN A 55 -2.91 -9.86 -16.59
CA GLN A 55 -2.91 -9.86 -16.58
C GLN A 55 -3.65 -9.15 -15.44
N ALA A 56 -4.65 -9.82 -14.89
CA ALA A 56 -5.44 -9.28 -13.79
C ALA A 56 -4.56 -8.92 -12.59
N MET A 57 -3.65 -9.81 -12.23
CA MET A 57 -2.77 -9.53 -11.10
C MET A 57 -1.76 -8.43 -11.40
N ARG A 58 -1.22 -8.40 -12.61
CA ARG A 58 -0.32 -7.32 -13.00
C ARG A 58 -1.03 -5.98 -12.85
N ALA A 59 -2.25 -5.89 -13.37
CA ALA A 59 -3.03 -4.66 -13.33
C ALA A 59 -3.37 -4.27 -11.90
N ALA A 60 -3.78 -5.25 -11.10
CA ALA A 60 -4.17 -5.00 -9.71
C ALA A 60 -2.97 -4.54 -8.88
N GLY A 61 -1.84 -5.20 -9.07
CA GLY A 61 -0.61 -4.84 -8.37
C GLY A 61 -0.12 -3.46 -8.77
N ASP A 62 -0.19 -3.16 -10.06
CA ASP A 62 0.21 -1.85 -10.56
C ASP A 62 -0.66 -0.76 -9.95
N GLU A 63 -1.97 -0.97 -9.96
CA GLU A 63 -2.88 0.06 -9.47
C GLU A 63 -2.71 0.27 -7.97
N PHE A 64 -2.48 -0.83 -7.25
CA PHE A 64 -2.27 -0.76 -5.81
C PHE A 64 -1.00 0.04 -5.52
N GLU A 65 0.06 -0.27 -6.23
CA GLU A 65 1.34 0.41 -6.01
C GLU A 65 1.31 1.88 -6.35
N THR A 66 0.44 2.27 -7.28
CA THR A 66 0.32 3.68 -7.61
C THR A 66 -0.28 4.43 -6.41
N ARG A 67 -1.19 3.78 -5.71
CA ARG A 67 -1.84 4.41 -4.56
C ARG A 67 -0.99 4.33 -3.28
N PHE A 68 -0.27 3.23 -3.13
CA PHE A 68 0.56 3.01 -1.94
C PHE A 68 2.01 2.87 -2.39
N ARG A 69 2.56 3.93 -2.97
CA ARG A 69 3.80 3.86 -3.76
C ARG A 69 4.99 3.23 -3.05
N ARG A 70 5.26 3.71 -1.84
CA ARG A 70 6.46 3.26 -1.12
C ARG A 70 6.15 2.41 0.10
N THR A 71 4.88 2.02 0.28
CA THR A 71 4.47 1.29 1.47
C THR A 71 5.28 0.01 1.65
N PHE A 72 5.30 -0.83 0.62
CA PHE A 72 6.03 -2.09 0.73
C PHE A 72 7.50 -2.00 0.36
N SER A 73 7.86 -1.09 -0.53
CA SER A 73 9.27 -0.94 -0.84
C SER A 73 10.04 -0.38 0.36
N ASP A 74 9.43 0.54 1.11
CA ASP A 74 10.03 1.00 2.36
C ASP A 74 10.14 -0.15 3.36
N LEU A 75 9.07 -0.92 3.51
CA LEU A 75 9.05 -2.03 4.45
C LEU A 75 10.15 -3.04 4.10
N ALA A 76 10.25 -3.39 2.82
CA ALA A 76 11.24 -4.36 2.37
C ALA A 76 12.67 -3.86 2.60
N ALA A 77 12.89 -2.56 2.38
CA ALA A 77 14.20 -1.97 2.63
C ALA A 77 14.56 -1.93 4.11
N GLN A 78 13.57 -1.65 4.95
CA GLN A 78 13.80 -1.49 6.39
C GLN A 78 13.92 -2.83 7.11
N LEU A 79 13.26 -3.84 6.54
CA LEU A 79 13.25 -5.20 7.08
C LEU A 79 14.67 -5.75 7.07
N HIS A 80 15.14 -6.28 8.19
CA HIS A 80 16.46 -6.87 8.23
C HIS A 80 16.38 -8.29 7.70
N VAL A 81 17.03 -8.54 6.56
CA VAL A 81 16.91 -9.81 5.88
C VAL A 81 18.28 -10.35 5.49
N THR A 82 18.54 -11.58 5.86
CA THR A 82 19.68 -12.32 5.36
C THR A 82 19.10 -13.60 4.78
N PRO A 83 19.90 -14.39 4.04
CA PRO A 83 19.34 -15.65 3.53
C PRO A 83 18.77 -16.55 4.64
N GLY A 84 19.43 -16.57 5.79
CA GLY A 84 18.98 -17.38 6.90
C GLY A 84 17.70 -16.92 7.61
N SER A 85 17.41 -15.63 7.57
CA SER A 85 16.25 -15.10 8.26
C SER A 85 15.08 -14.78 7.32
N ALA A 86 15.31 -14.86 6.02
CA ALA A 86 14.33 -14.38 5.04
C ALA A 86 12.94 -15.00 5.20
N GLN A 87 12.86 -16.31 5.35
CA GLN A 87 11.54 -16.93 5.45
C GLN A 87 10.79 -16.44 6.71
N GLN A 88 11.51 -16.33 7.82
CA GLN A 88 10.89 -15.80 9.04
C GLN A 88 10.34 -14.38 8.85
N ARG A 89 11.09 -13.53 8.14
CA ARG A 89 10.66 -12.15 7.96
C ARG A 89 9.52 -12.06 6.95
N PHE A 90 9.59 -12.85 5.88
CA PHE A 90 8.49 -12.98 4.92
C PHE A 90 7.20 -13.38 5.63
N THR A 91 7.31 -14.38 6.51
CA THR A 91 6.15 -14.89 7.23
C THR A 91 5.60 -13.82 8.18
N GLN A 92 6.49 -13.11 8.84
CA GLN A 92 6.06 -12.03 9.75
C GLN A 92 5.19 -11.00 9.04
N VAL A 93 5.67 -10.51 7.91
CA VAL A 93 4.94 -9.46 7.21
C VAL A 93 3.62 -10.01 6.65
N SER A 94 3.68 -11.20 6.07
CA SER A 94 2.47 -11.82 5.52
C SER A 94 1.41 -12.04 6.58
N ASP A 95 1.82 -12.56 7.72
CA ASP A 95 0.86 -12.82 8.80
C ASP A 95 0.21 -11.50 9.28
N GLU A 96 0.98 -10.42 9.30
CA GLU A 96 0.44 -9.12 9.70
C GLU A 96 -0.57 -8.62 8.67
N LEU A 97 -0.22 -8.77 7.39
CA LEU A 97 -1.09 -8.36 6.30
CA LEU A 97 -1.08 -8.35 6.32
C LEU A 97 -2.46 -9.02 6.37
N PHE A 98 -2.48 -10.27 6.82
CA PHE A 98 -3.72 -11.03 6.84
C PHE A 98 -4.44 -11.05 8.19
N GLN A 99 -3.97 -10.23 9.12
CA GLN A 99 -4.74 -9.96 10.34
C GLN A 99 -6.09 -9.41 9.92
N GLY A 100 -7.16 -9.96 10.49
CA GLY A 100 -8.49 -9.53 10.13
C GLY A 100 -9.11 -10.40 9.06
N GLY A 101 -8.32 -11.29 8.49
CA GLY A 101 -8.81 -12.25 7.51
C GLY A 101 -8.51 -11.87 6.07
N PRO A 102 -8.43 -12.87 5.19
CA PRO A 102 -8.13 -12.53 3.80
C PRO A 102 -9.26 -11.80 3.10
N ASN A 103 -8.90 -11.01 2.10
CA ASN A 103 -9.83 -10.52 1.11
C ASN A 103 -9.02 -10.26 -0.16
N TRP A 104 -9.68 -9.94 -1.26
CA TRP A 104 -8.93 -9.81 -2.51
C TRP A 104 -7.90 -8.68 -2.43
N GLY A 105 -8.26 -7.58 -1.76
CA GLY A 105 -7.33 -6.49 -1.59
C GLY A 105 -6.07 -6.88 -0.83
N ARG A 106 -6.23 -7.70 0.19
CA ARG A 106 -5.07 -8.19 0.94
C ARG A 106 -4.23 -9.16 0.13
N LEU A 107 -4.88 -9.97 -0.71
CA LEU A 107 -4.14 -10.83 -1.64
C LEU A 107 -3.27 -10.02 -2.58
N VAL A 108 -3.83 -8.93 -3.13
CA VAL A 108 -3.05 -8.06 -4.01
C VAL A 108 -1.88 -7.45 -3.25
N ALA A 109 -2.14 -6.97 -2.03
CA ALA A 109 -1.07 -6.42 -1.19
C ALA A 109 0.03 -7.45 -0.96
N PHE A 110 -0.36 -8.71 -0.74
CA PHE A 110 0.56 -9.81 -0.51
C PHE A 110 1.46 -10.03 -1.72
N PHE A 111 0.88 -10.00 -2.92
CA PHE A 111 1.69 -10.10 -4.14
C PHE A 111 2.64 -8.93 -4.27
N VAL A 112 2.13 -7.72 -4.02
CA VAL A 112 2.96 -6.52 -4.12
C VAL A 112 4.14 -6.59 -3.14
N PHE A 113 3.86 -7.00 -1.91
CA PHE A 113 4.94 -7.16 -0.93
C PHE A 113 5.96 -8.21 -1.36
N GLY A 114 5.48 -9.37 -1.81
CA GLY A 114 6.38 -10.43 -2.23
C GLY A 114 7.32 -9.96 -3.33
N ALA A 115 6.78 -9.28 -4.33
CA ALA A 115 7.59 -8.71 -5.39
C ALA A 115 8.56 -7.66 -4.84
N ALA A 116 8.11 -6.83 -3.90
CA ALA A 116 8.98 -5.81 -3.30
C ALA A 116 10.13 -6.45 -2.54
N LEU A 117 9.86 -7.54 -1.86
CA LEU A 117 10.88 -8.26 -1.11
C LEU A 117 11.90 -8.86 -2.07
N CYS A 118 11.42 -9.39 -3.20
CA CYS A 118 12.32 -9.92 -4.22
C CYS A 118 13.20 -8.81 -4.80
N ALA A 119 12.61 -7.65 -5.09
CA ALA A 119 13.38 -6.54 -5.63
C ALA A 119 14.47 -6.09 -4.66
N GLU A 120 14.10 -5.93 -3.39
CA GLU A 120 15.09 -5.53 -2.40
C GLU A 120 16.18 -6.57 -2.26
N SER A 121 15.83 -7.85 -2.36
CA SER A 121 16.83 -8.91 -2.29
C SER A 121 17.84 -8.82 -3.43
N VAL A 122 17.38 -8.54 -4.64
CA VAL A 122 18.31 -8.34 -5.76
C VAL A 122 19.20 -7.13 -5.48
N ASN A 123 18.58 -6.06 -4.98
CA ASN A 123 19.29 -4.82 -4.65
C ASN A 123 20.41 -5.03 -3.63
N LYS A 124 20.16 -5.91 -2.66
CA LYS A 124 21.10 -6.23 -1.58
C LYS A 124 22.06 -7.37 -1.94
N GLU A 125 22.14 -7.71 -3.22
CA GLU A 125 22.99 -8.79 -3.73
C GLU A 125 22.64 -10.17 -3.15
N MET A 126 21.35 -10.38 -2.92
CA MET A 126 20.84 -11.67 -2.47
C MET A 126 19.82 -12.20 -3.48
N GLU A 127 20.21 -12.23 -4.76
CA GLU A 127 19.32 -12.68 -5.83
C GLU A 127 18.80 -14.10 -5.63
N VAL A 128 19.59 -14.93 -4.93
CA VAL A 128 19.21 -16.30 -4.65
C VAL A 128 17.87 -16.37 -3.91
N LEU A 129 17.52 -15.31 -3.20
CA LEU A 129 16.27 -15.28 -2.44
C LEU A 129 15.04 -15.15 -3.33
N VAL A 130 15.22 -14.67 -4.56
CA VAL A 130 14.05 -14.43 -5.42
C VAL A 130 13.23 -15.71 -5.63
N GLY A 131 13.90 -16.76 -6.09
CA GLY A 131 13.23 -18.04 -6.30
C GLY A 131 12.68 -18.63 -5.01
N GLN A 132 13.37 -18.38 -3.90
CA GLN A 132 12.92 -18.89 -2.61
C GLN A 132 11.68 -18.18 -2.11
N VAL A 133 11.66 -16.86 -2.22
CA VAL A 133 10.47 -16.09 -1.85
C VAL A 133 9.28 -16.50 -2.71
N GLN A 134 9.50 -16.70 -4.00
CA GLN A 134 8.41 -17.20 -4.85
C GLN A 134 7.81 -18.49 -4.30
N GLU A 135 8.66 -19.43 -3.94
CA GLU A 135 8.19 -20.69 -3.39
C GLU A 135 7.50 -20.52 -2.03
N TRP A 136 7.98 -19.60 -1.20
CA TRP A 136 7.30 -19.33 0.07
C TRP A 136 5.90 -18.73 -0.18
N MET A 137 5.80 -17.87 -1.20
CA MET A 137 4.50 -17.32 -1.58
C MET A 137 3.56 -18.44 -2.05
N VAL A 138 4.07 -19.33 -2.89
CA VAL A 138 3.28 -20.46 -3.36
C VAL A 138 2.77 -21.30 -2.20
N ALA A 139 3.64 -21.64 -1.26
CA ALA A 139 3.25 -22.49 -0.13
C ALA A 139 2.20 -21.81 0.74
N TYR A 140 2.38 -20.50 0.93
CA TYR A 140 1.45 -19.72 1.74
C TYR A 140 0.07 -19.67 1.07
N LEU A 141 0.04 -19.46 -0.25
CA LEU A 141 -1.20 -19.44 -1.02
C LEU A 141 -1.89 -20.80 -1.10
N GLU A 142 -1.10 -21.86 -1.26
CA GLU A 142 -1.64 -23.20 -1.41
C GLU A 142 -2.13 -23.81 -0.10
N THR A 143 -1.69 -23.25 1.02
CA THR A 143 -2.06 -23.83 2.31
C THR A 143 -2.84 -22.86 3.22
N ARG A 144 -2.25 -21.73 3.58
CA ARG A 144 -2.89 -20.75 4.46
C ARG A 144 -4.12 -20.07 3.83
N LEU A 145 -4.03 -19.70 2.56
CA LEU A 145 -5.05 -18.86 1.90
C LEU A 145 -5.99 -19.62 0.98
N ALA A 146 -5.69 -20.91 0.74
CA ALA A 146 -6.43 -21.68 -0.26
C ALA A 146 -7.93 -21.77 0.01
N ASP A 147 -8.31 -22.08 1.25
CA ASP A 147 -9.73 -22.24 1.59
C ASP A 147 -10.52 -20.95 1.30
N TRP A 148 -9.96 -19.80 1.67
CA TRP A 148 -10.63 -18.54 1.41
C TRP A 148 -10.75 -18.28 -0.10
N ILE A 149 -9.66 -18.51 -0.82
CA ILE A 149 -9.67 -18.29 -2.27
C ILE A 149 -10.76 -19.15 -2.93
N HIS A 150 -10.83 -20.44 -2.57
CA HIS A 150 -11.87 -21.31 -3.13
C HIS A 150 -13.27 -20.84 -2.76
N SER A 151 -13.50 -20.56 -1.48
CA SER A 151 -14.84 -20.19 -1.04
CA SER A 151 -14.82 -20.18 -1.02
C SER A 151 -15.31 -18.89 -1.66
N SER A 152 -14.35 -18.05 -2.07
CA SER A 152 -14.65 -16.77 -2.67
C SER A 152 -14.80 -16.82 -4.20
N GLY A 153 -14.78 -18.02 -4.77
CA GLY A 153 -14.99 -18.19 -6.21
C GLY A 153 -13.74 -18.53 -7.00
N GLY A 154 -12.61 -18.69 -6.33
CA GLY A 154 -11.40 -19.10 -7.00
C GLY A 154 -10.74 -17.96 -7.76
N TRP A 155 -9.60 -18.24 -8.38
CA TRP A 155 -8.91 -17.22 -9.15
C TRP A 155 -9.74 -16.73 -10.34
N ALA A 156 -10.67 -17.55 -10.85
CA ALA A 156 -11.56 -17.11 -11.91
C ALA A 156 -12.42 -15.92 -11.47
N GLU A 157 -12.83 -15.91 -10.21
CA GLU A 157 -13.54 -14.75 -9.66
C GLU A 157 -12.63 -13.52 -9.61
N PHE A 158 -11.39 -13.72 -9.16
CA PHE A 158 -10.41 -12.63 -9.14
C PHE A 158 -10.25 -12.04 -10.54
N THR A 159 -10.12 -12.92 -11.54
CA THR A 159 -9.94 -12.48 -12.91
C THR A 159 -11.13 -11.65 -13.39
N ALA A 160 -12.33 -12.06 -12.98
CA ALA A 160 -13.54 -11.34 -13.33
C ALA A 160 -13.55 -9.95 -12.68
N LEU A 161 -13.03 -9.84 -11.46
CA LEU A 161 -13.04 -8.58 -10.72
C LEU A 161 -11.95 -7.61 -11.16
N TYR A 162 -10.79 -8.15 -11.52
CA TYR A 162 -9.60 -7.34 -11.69
C TYR A 162 -9.03 -7.33 -13.10
N GLY A 163 -9.51 -8.23 -13.96
CA GLY A 163 -8.99 -8.36 -15.31
C GLY A 163 -9.59 -7.37 -16.29
N ASP A 164 -9.03 -7.30 -17.49
CA ASP A 164 -9.46 -6.29 -18.48
C ASP A 164 -10.54 -6.75 -19.46
N GLY A 165 -11.01 -7.98 -19.30
CA GLY A 165 -12.18 -8.43 -20.05
C GLY A 165 -11.88 -9.22 -21.32
N ALA A 166 -12.95 -9.79 -21.88
CA ALA A 166 -12.85 -10.75 -22.97
C ALA A 166 -12.36 -10.17 -24.30
N LEU A 167 -12.63 -8.89 -24.55
CA LEU A 167 -12.14 -8.26 -25.76
C LEU A 167 -10.61 -8.13 -25.71
N GLU A 168 -10.10 -7.58 -24.62
CA GLU A 168 -8.66 -7.51 -24.41
C GLU A 168 -8.09 -8.91 -24.21
N HIS B 9 -26.25 3.65 -9.92
CA HIS B 9 -26.79 4.35 -8.76
C HIS B 9 -26.32 5.79 -8.74
N HIS B 10 -27.28 6.72 -8.69
CA HIS B 10 -26.98 8.15 -8.76
C HIS B 10 -26.01 8.62 -7.67
N GLY B 11 -26.36 8.36 -6.41
CA GLY B 11 -25.54 8.78 -5.28
C GLY B 11 -24.13 8.23 -5.31
N SER B 12 -23.99 6.95 -5.60
CA SER B 12 -22.68 6.32 -5.68
C SER B 12 -21.84 6.94 -6.79
N ASP B 13 -22.51 7.29 -7.89
CA ASP B 13 -21.84 7.91 -9.02
C ASP B 13 -21.32 9.30 -8.67
N LEU B 14 -22.10 10.05 -7.90
CA LEU B 14 -21.67 11.36 -7.46
C LEU B 14 -20.44 11.24 -6.56
N GLY B 15 -20.42 10.22 -5.71
CA GLY B 15 -19.29 9.98 -4.86
C GLY B 15 -18.03 9.69 -5.65
N LYS B 16 -18.17 8.86 -6.67
CA LYS B 16 -17.06 8.53 -7.56
C LYS B 16 -16.50 9.79 -8.22
N LYS B 17 -17.39 10.64 -8.70
CA LYS B 17 -16.97 11.90 -9.33
C LYS B 17 -16.30 12.84 -8.33
N LEU B 18 -16.80 12.89 -7.11
CA LEU B 18 -16.21 13.72 -6.06
C LEU B 18 -14.79 13.26 -5.72
N LEU B 19 -14.62 11.95 -5.58
CA LEU B 19 -13.30 11.37 -5.34
C LEU B 19 -12.32 11.78 -6.43
N GLU B 20 -12.77 11.70 -7.68
CA GLU B 20 -11.89 12.02 -8.78
C GLU B 20 -11.57 13.50 -8.83
N ALA B 21 -12.56 14.35 -8.57
CA ALA B 21 -12.33 15.80 -8.58
C ALA B 21 -11.37 16.19 -7.46
N ALA B 22 -11.50 15.58 -6.28
CA ALA B 22 -10.59 15.88 -5.19
C ALA B 22 -9.17 15.39 -5.50
N ASN B 23 -9.10 14.23 -6.13
CA ASN B 23 -7.84 13.62 -6.51
C ASN B 23 -7.01 14.53 -7.42
N VAL B 24 -7.66 15.11 -8.43
CA VAL B 24 -6.94 15.90 -9.43
C VAL B 24 -7.00 17.41 -9.20
N GLY B 25 -7.64 17.82 -8.10
CA GLY B 25 -7.58 19.21 -7.69
C GLY B 25 -8.52 20.15 -8.42
N GLN B 26 -9.67 19.63 -8.83
CA GLN B 26 -10.68 20.45 -9.48
C GLN B 26 -11.62 21.04 -8.44
N HIS B 27 -11.25 22.20 -7.91
CA HIS B 27 -11.93 22.81 -6.76
C HIS B 27 -13.39 23.18 -7.03
N ASP B 28 -13.65 23.84 -8.15
CA ASP B 28 -15.01 24.22 -8.48
C ASP B 28 -15.89 22.99 -8.65
N GLU B 29 -15.34 21.94 -9.27
CA GLU B 29 -16.09 20.71 -9.50
C GLU B 29 -16.42 20.02 -8.17
N VAL B 30 -15.46 20.04 -7.24
CA VAL B 30 -15.71 19.50 -5.91
C VAL B 30 -16.90 20.21 -5.28
N ARG B 31 -16.92 21.53 -5.36
CA ARG B 31 -18.04 22.30 -4.79
C ARG B 31 -19.37 21.99 -5.46
N ILE B 32 -19.37 21.84 -6.78
CA ILE B 32 -20.60 21.53 -7.50
C ILE B 32 -21.15 20.16 -7.09
N LEU B 33 -20.26 19.17 -7.02
CA LEU B 33 -20.66 17.81 -6.68
C LEU B 33 -21.23 17.72 -5.26
N MET B 34 -20.65 18.48 -4.33
CA MET B 34 -21.19 18.52 -2.99
CA MET B 34 -21.17 18.55 -2.98
C MET B 34 -22.59 19.09 -2.99
N ALA B 35 -22.81 20.12 -3.78
CA ALA B 35 -24.16 20.70 -3.89
C ALA B 35 -25.14 19.72 -4.53
N ASN B 36 -24.66 18.89 -5.45
CA ASN B 36 -25.48 17.84 -6.05
C ASN B 36 -25.89 16.76 -5.06
N GLY B 37 -25.18 16.68 -3.95
CA GLY B 37 -25.49 15.69 -2.93
C GLY B 37 -24.46 14.58 -2.77
N ALA B 38 -23.28 14.76 -3.36
CA ALA B 38 -22.21 13.77 -3.21
C ALA B 38 -21.84 13.62 -1.75
N ASP B 39 -21.64 12.37 -1.32
CA ASP B 39 -21.21 12.07 0.04
C ASP B 39 -19.77 12.51 0.23
N VAL B 40 -19.55 13.45 1.14
CA VAL B 40 -18.20 13.97 1.41
C VAL B 40 -17.26 12.86 1.88
N ASN B 41 -17.82 11.80 2.45
CA ASN B 41 -17.03 10.66 2.92
C ASN B 41 -17.15 9.44 2.04
N ALA B 42 -17.47 9.64 0.76
CA ALA B 42 -17.40 8.55 -0.20
C ALA B 42 -15.99 7.96 -0.17
N ALA B 43 -15.87 6.65 -0.37
CA ALA B 43 -14.56 6.02 -0.39
C ALA B 43 -14.35 5.27 -1.68
N ASP B 44 -13.10 5.22 -2.13
CA ASP B 44 -12.77 4.47 -3.32
C ASP B 44 -12.38 3.03 -2.99
N LYS B 45 -11.89 2.30 -3.98
CA LYS B 45 -11.58 0.87 -3.81
C LYS B 45 -10.47 0.62 -2.79
N TYR B 46 -9.72 1.67 -2.45
CA TYR B 46 -8.61 1.56 -1.51
C TYR B 46 -8.96 2.17 -0.15
N GLY B 47 -10.23 2.50 0.03
CA GLY B 47 -10.69 3.08 1.28
C GLY B 47 -10.32 4.54 1.45
N ASP B 48 -9.82 5.16 0.39
CA ASP B 48 -9.50 6.60 0.44
C ASP B 48 -10.73 7.46 0.19
N THR B 49 -10.87 8.51 1.00
CA THR B 49 -11.95 9.47 0.85
C THR B 49 -11.46 10.70 0.05
N PRO B 50 -12.37 11.60 -0.33
CA PRO B 50 -11.89 12.80 -1.01
C PRO B 50 -10.84 13.57 -0.20
N LEU B 51 -11.00 13.62 1.12
CA LEU B 51 -10.05 14.31 1.97
C LEU B 51 -8.67 13.65 1.92
N HIS B 52 -8.62 12.32 1.94
CA HIS B 52 -7.35 11.60 1.76
C HIS B 52 -6.64 12.06 0.49
N LEU B 53 -7.36 12.02 -0.63
CA LEU B 53 -6.76 12.28 -1.93
C LEU B 53 -6.31 13.73 -2.08
N ALA B 54 -7.14 14.66 -1.61
CA ALA B 54 -6.77 16.07 -1.64
C ALA B 54 -5.57 16.34 -0.74
N ALA B 55 -5.53 15.69 0.42
CA ALA B 55 -4.42 15.89 1.36
C ALA B 55 -3.13 15.33 0.79
N MET B 56 -3.23 14.15 0.18
CA MET B 56 -2.08 13.48 -0.41
C MET B 56 -1.48 14.30 -1.54
N ASN B 57 -2.35 14.93 -2.33
CA ASN B 57 -1.92 15.59 -3.56
C ASN B 57 -1.74 17.10 -3.45
N GLY B 58 -1.86 17.63 -2.24
CA GLY B 58 -1.50 19.02 -1.99
C GLY B 58 -2.58 20.04 -2.32
N HIS B 59 -3.82 19.60 -2.42
CA HIS B 59 -4.93 20.49 -2.80
C HIS B 59 -5.57 21.14 -1.56
N LEU B 60 -4.94 22.20 -1.09
CA LEU B 60 -5.30 22.82 0.19
C LEU B 60 -6.72 23.36 0.24
N GLU B 61 -7.10 24.12 -0.79
CA GLU B 61 -8.43 24.71 -0.85
C GLU B 61 -9.52 23.64 -0.80
N ILE B 62 -9.29 22.54 -1.50
CA ILE B 62 -10.23 21.42 -1.47
C ILE B 62 -10.26 20.78 -0.08
N VAL B 63 -9.09 20.60 0.53
CA VAL B 63 -9.02 20.07 1.90
C VAL B 63 -9.89 20.92 2.83
N GLU B 64 -9.78 22.24 2.71
CA GLU B 64 -10.56 23.16 3.55
C GLU B 64 -12.05 23.02 3.33
N VAL B 65 -12.49 22.99 2.07
CA VAL B 65 -13.92 22.95 1.81
C VAL B 65 -14.53 21.59 2.18
N LEU B 66 -13.75 20.53 2.04
CA LEU B 66 -14.20 19.22 2.50
C LEU B 66 -14.40 19.21 4.02
N LEU B 67 -13.42 19.74 4.74
CA LEU B 67 -13.52 19.80 6.20
C LEU B 67 -14.70 20.68 6.64
N LYS B 68 -14.91 21.77 5.94
CA LYS B 68 -16.02 22.66 6.24
C LYS B 68 -17.38 22.01 5.96
N THR B 69 -17.39 20.97 5.13
CA THR B 69 -18.64 20.33 4.73
CA THR B 69 -18.63 20.33 4.73
C THR B 69 -18.74 18.91 5.30
N GLY B 70 -18.06 18.66 6.41
CA GLY B 70 -18.27 17.43 7.16
C GLY B 70 -17.40 16.23 6.89
N ALA B 71 -16.28 16.43 6.18
CA ALA B 71 -15.34 15.35 5.93
C ALA B 71 -14.79 14.79 7.23
N ASP B 72 -14.67 13.47 7.30
CA ASP B 72 -14.05 12.82 8.45
C ASP B 72 -12.54 13.03 8.41
N VAL B 73 -12.05 13.87 9.32
CA VAL B 73 -10.63 14.23 9.36
C VAL B 73 -9.75 13.01 9.67
N ASN B 74 -10.33 11.99 10.30
CA ASN B 74 -9.58 10.81 10.73
C ASN B 74 -9.97 9.54 9.99
N ALA B 75 -10.43 9.70 8.76
CA ALA B 75 -10.76 8.55 7.93
C ALA B 75 -9.52 7.69 7.72
N VAL B 76 -9.72 6.38 7.63
CA VAL B 76 -8.61 5.44 7.54
C VAL B 76 -8.75 4.63 6.26
N ASP B 77 -7.68 4.57 5.46
CA ASP B 77 -7.72 3.79 4.22
C ASP B 77 -7.26 2.34 4.38
N PHE B 78 -7.12 1.64 3.26
CA PHE B 78 -6.82 0.21 3.27
C PHE B 78 -5.51 -0.13 3.98
N MET B 79 -4.50 0.74 3.87
CA MET B 79 -3.24 0.50 4.56
C MET B 79 -3.11 1.31 5.85
N GLY B 80 -4.24 1.73 6.40
CA GLY B 80 -4.26 2.35 7.71
C GLY B 80 -3.95 3.83 7.70
N ARG B 81 -3.84 4.41 6.52
CA ARG B 81 -3.45 5.81 6.42
C ARG B 81 -4.61 6.78 6.65
N THR B 82 -4.32 7.84 7.40
CA THR B 82 -5.24 8.97 7.56
C THR B 82 -4.82 10.11 6.64
N PRO B 83 -5.69 11.10 6.43
CA PRO B 83 -5.25 12.27 5.65
C PRO B 83 -3.97 12.90 6.20
N LEU B 84 -3.80 12.90 7.52
CA LEU B 84 -2.59 13.44 8.12
C LEU B 84 -1.32 12.66 7.74
N HIS B 85 -1.42 11.34 7.68
CA HIS B 85 -0.29 10.53 7.18
C HIS B 85 0.11 11.00 5.79
N LEU B 86 -0.89 11.21 4.94
CA LEU B 86 -0.63 11.50 3.53
C LEU B 86 -0.02 12.89 3.34
N ALA B 87 -0.56 13.89 4.04
CA ALA B 87 -0.02 15.24 3.96
C ALA B 87 1.38 15.32 4.55
N ALA B 88 1.60 14.60 5.65
CA ALA B 88 2.91 14.59 6.31
C ALA B 88 3.95 13.91 5.43
N ASP B 89 3.60 12.75 4.88
CA ASP B 89 4.51 12.00 4.02
C ASP B 89 4.91 12.78 2.77
N ASN B 90 3.95 13.52 2.21
CA ASN B 90 4.15 14.23 0.95
C ASN B 90 4.59 15.70 1.09
N GLY B 91 4.82 16.13 2.33
CA GLY B 91 5.42 17.43 2.57
C GLY B 91 4.49 18.63 2.46
N HIS B 92 3.19 18.40 2.60
CA HIS B 92 2.23 19.50 2.47
C HIS B 92 1.96 20.16 3.81
N LEU B 93 2.78 21.16 4.14
CA LEU B 93 2.79 21.78 5.46
C LEU B 93 1.46 22.42 5.84
N GLU B 94 0.94 23.27 4.96
CA GLU B 94 -0.32 23.97 5.19
CA GLU B 94 -0.32 23.96 5.23
C GLU B 94 -1.47 22.99 5.44
N ILE B 95 -1.49 21.91 4.67
CA ILE B 95 -2.54 20.91 4.85
C ILE B 95 -2.39 20.19 6.20
N VAL B 96 -1.15 19.88 6.58
CA VAL B 96 -0.90 19.32 7.91
C VAL B 96 -1.49 20.21 9.00
N GLU B 97 -1.26 21.51 8.87
CA GLU B 97 -1.73 22.48 9.86
C GLU B 97 -3.26 22.53 9.94
N VAL B 98 -3.92 22.53 8.79
CA VAL B 98 -5.38 22.61 8.79
CA VAL B 98 -5.39 22.57 8.72
C VAL B 98 -6.02 21.30 9.29
N LEU B 99 -5.39 20.16 8.98
CA LEU B 99 -5.90 18.90 9.47
C LEU B 99 -5.82 18.85 10.99
N LEU B 100 -4.69 19.29 11.54
CA LEU B 100 -4.51 19.29 12.99
C LEU B 100 -5.50 20.25 13.67
N LYS B 101 -5.73 21.40 13.05
CA LYS B 101 -6.70 22.38 13.54
C LYS B 101 -8.11 21.77 13.61
N HIS B 102 -8.39 20.83 12.72
CA HIS B 102 -9.71 20.20 12.64
C HIS B 102 -9.78 18.86 13.39
N GLY B 103 -8.79 18.59 14.22
CA GLY B 103 -8.86 17.46 15.12
C GLY B 103 -8.23 16.18 14.64
N ALA B 104 -7.32 16.28 13.67
CA ALA B 104 -6.61 15.09 13.18
C ALA B 104 -5.87 14.41 14.34
N ASP B 105 -5.93 13.08 14.35
CA ASP B 105 -5.22 12.27 15.34
C ASP B 105 -3.71 12.31 15.05
N VAL B 106 -2.98 13.05 15.86
CA VAL B 106 -1.57 13.33 15.58
C VAL B 106 -0.69 12.07 15.66
N ASN B 107 -1.15 11.07 16.41
CA ASN B 107 -0.39 9.84 16.60
C ASN B 107 -1.05 8.60 16.01
N ALA B 108 -1.91 8.79 15.02
CA ALA B 108 -2.57 7.66 14.37
C ALA B 108 -1.54 6.70 13.77
N GLN B 109 -1.78 5.40 13.91
CA GLN B 109 -0.86 4.39 13.40
C GLN B 109 -1.39 3.76 12.12
N ALA B 110 -0.62 3.88 11.04
CA ALA B 110 -0.92 3.21 9.80
C ALA B 110 -0.32 1.79 9.85
N PHE B 111 -0.38 1.06 8.74
CA PHE B 111 0.22 -0.25 8.69
C PHE B 111 1.65 -0.23 9.20
N TRP B 112 2.00 -1.25 9.98
CA TRP B 112 3.34 -1.38 10.58
C TRP B 112 3.62 -0.36 11.66
N GLY B 113 2.56 0.22 12.22
CA GLY B 113 2.67 1.15 13.33
C GLY B 113 3.25 2.51 12.99
N LYS B 114 3.21 2.89 11.72
CA LYS B 114 3.79 4.15 11.28
C LYS B 114 2.93 5.35 11.65
N THR B 115 3.50 6.31 12.37
CA THR B 115 2.80 7.53 12.73
C THR B 115 3.15 8.64 11.74
N PRO B 116 2.36 9.73 11.72
CA PRO B 116 2.75 10.84 10.84
C PRO B 116 4.16 11.36 11.13
N LEU B 117 4.56 11.39 12.40
CA LEU B 117 5.89 11.85 12.75
C LEU B 117 6.98 10.93 12.17
N HIS B 118 6.73 9.62 12.17
CA HIS B 118 7.65 8.68 11.52
C HIS B 118 7.89 9.10 10.07
N LEU B 119 6.80 9.37 9.36
CA LEU B 119 6.89 9.63 7.93
C LEU B 119 7.53 10.98 7.63
N ALA B 120 7.18 12.01 8.39
CA ALA B 120 7.78 13.33 8.20
C ALA B 120 9.28 13.28 8.48
N ALA B 121 9.66 12.58 9.53
CA ALA B 121 11.07 12.43 9.90
C ALA B 121 11.84 11.67 8.82
N GLN B 122 11.24 10.61 8.32
CA GLN B 122 11.84 9.80 7.27
C GLN B 122 12.05 10.61 5.99
N GLN B 123 11.04 11.40 5.63
CA GLN B 123 11.04 12.10 4.35
C GLN B 123 11.77 13.44 4.38
N GLY B 124 12.23 13.86 5.56
CA GLY B 124 13.02 15.08 5.67
C GLY B 124 12.23 16.37 5.77
N HIS B 125 10.96 16.28 6.19
CA HIS B 125 10.11 17.46 6.26
C HIS B 125 10.20 18.13 7.63
N LEU B 126 11.22 18.98 7.79
CA LEU B 126 11.51 19.61 9.06
C LEU B 126 10.37 20.42 9.65
N GLU B 127 9.78 21.32 8.86
CA GLU B 127 8.71 22.17 9.37
CA GLU B 127 8.71 22.17 9.37
C GLU B 127 7.51 21.35 9.82
N ILE B 128 7.22 20.28 9.08
CA ILE B 128 6.11 19.40 9.43
C ILE B 128 6.41 18.68 10.75
N VAL B 129 7.64 18.21 10.91
CA VAL B 129 8.05 17.57 12.16
C VAL B 129 7.79 18.50 13.34
N GLU B 130 8.17 19.77 13.16
CA GLU B 130 7.99 20.76 14.21
CA GLU B 130 7.99 20.76 14.21
C GLU B 130 6.51 21.00 14.55
N VAL B 131 5.66 21.06 13.53
CA VAL B 131 4.23 21.29 13.81
C VAL B 131 3.57 20.07 14.45
N LEU B 132 3.94 18.88 13.99
CA LEU B 132 3.50 17.64 14.63
C LEU B 132 3.88 17.62 16.11
N LEU B 133 5.12 17.98 16.40
CA LEU B 133 5.61 18.03 17.78
C LEU B 133 4.83 19.01 18.63
N LYS B 134 4.52 20.18 18.05
CA LYS B 134 3.73 21.18 18.75
C LYS B 134 2.34 20.67 19.11
N HIS B 135 1.80 19.78 18.29
CA HIS B 135 0.47 19.23 18.52
C HIS B 135 0.46 17.89 19.25
N GLY B 136 1.59 17.56 19.88
CA GLY B 136 1.65 16.41 20.77
C GLY B 136 2.08 15.11 20.12
N ALA B 137 2.76 15.17 18.98
CA ALA B 137 3.26 13.96 18.35
C ALA B 137 4.21 13.24 19.29
N ASP B 138 4.13 11.91 19.29
CA ASP B 138 4.85 11.07 20.24
C ASP B 138 6.25 10.74 19.72
N VAL B 139 7.27 11.37 20.29
CA VAL B 139 8.63 11.18 19.81
C VAL B 139 9.13 9.76 20.06
N ASN B 140 8.49 9.06 21.01
CA ASN B 140 8.92 7.73 21.42
C ASN B 140 8.15 6.60 20.71
N ALA B 141 7.27 6.97 19.81
CA ALA B 141 6.43 5.98 19.12
C ALA B 141 7.31 5.00 18.34
N GLN B 142 7.11 3.70 18.54
CA GLN B 142 7.85 2.70 17.80
C GLN B 142 6.98 2.05 16.73
N ASP B 143 7.51 1.93 15.52
CA ASP B 143 6.83 1.13 14.50
C ASP B 143 7.04 -0.35 14.81
N LYS B 144 6.60 -1.24 13.94
CA LYS B 144 6.69 -2.67 14.22
CA LYS B 144 6.69 -2.66 14.23
C LYS B 144 8.10 -3.23 14.06
N PHE B 145 9.04 -2.38 13.65
CA PHE B 145 10.47 -2.73 13.68
C PHE B 145 11.12 -2.30 14.99
N GLY B 146 10.40 -1.51 15.78
CA GLY B 146 10.99 -0.89 16.97
C GLY B 146 11.58 0.49 16.72
N LYS B 147 11.47 0.98 15.48
CA LYS B 147 12.06 2.27 15.11
C LYS B 147 11.21 3.43 15.58
N THR B 148 11.88 4.44 16.14
CA THR B 148 11.24 5.71 16.46
C THR B 148 11.41 6.67 15.27
N PRO B 149 10.70 7.81 15.28
CA PRO B 149 10.96 8.77 14.20
C PRO B 149 12.43 9.21 14.15
N PHE B 150 13.08 9.30 15.30
CA PHE B 150 14.52 9.63 15.35
C PHE B 150 15.33 8.60 14.56
N ASP B 151 15.02 7.32 14.76
CA ASP B 151 15.73 6.25 14.06
C ASP B 151 15.57 6.39 12.54
N LEU B 152 14.35 6.67 12.09
CA LEU B 152 14.11 6.90 10.67
C LEU B 152 14.84 8.12 10.13
N ALA B 153 14.92 9.18 10.93
CA ALA B 153 15.65 10.38 10.52
C ALA B 153 17.12 10.03 10.34
N ILE B 154 17.66 9.30 11.29
CA ILE B 154 19.05 8.85 11.24
C ILE B 154 19.30 7.95 10.04
N ASP B 155 18.41 6.99 9.82
CA ASP B 155 18.51 6.06 8.70
C ASP B 155 18.57 6.79 7.36
N ASN B 156 17.95 7.97 7.31
CA ASN B 156 17.84 8.73 6.07
C ASN B 156 18.72 9.97 6.02
N GLY B 157 19.63 10.10 6.99
CA GLY B 157 20.61 11.18 6.97
C GLY B 157 20.03 12.56 7.22
N ASN B 158 18.87 12.61 7.88
CA ASN B 158 18.22 13.86 8.23
C ASN B 158 18.61 14.30 9.64
N GLU B 159 19.85 14.79 9.78
CA GLU B 159 20.38 15.06 11.12
C GLU B 159 19.77 16.28 11.81
N ASP B 160 19.33 17.26 11.02
CA ASP B 160 18.65 18.43 11.59
C ASP B 160 17.35 18.01 12.26
N ILE B 161 16.60 17.14 11.59
CA ILE B 161 15.39 16.57 12.19
C ILE B 161 15.74 15.67 13.38
N ALA B 162 16.81 14.88 13.24
CA ALA B 162 17.25 14.00 14.31
C ALA B 162 17.59 14.81 15.56
N GLU B 163 18.23 15.95 15.36
CA GLU B 163 18.59 16.83 16.47
C GLU B 163 17.33 17.38 17.13
N VAL B 164 16.36 17.80 16.30
CA VAL B 164 15.09 18.33 16.81
C VAL B 164 14.34 17.29 17.63
N LEU B 165 14.29 16.05 17.13
CA LEU B 165 13.62 14.98 17.84
C LEU B 165 14.35 14.60 19.12
N GLN B 166 15.68 14.63 19.08
CA GLN B 166 16.53 14.38 20.25
C GLN B 166 16.22 15.35 21.39
N LYS B 167 16.15 16.64 21.06
CA LYS B 167 15.94 17.69 22.06
C LYS B 167 14.48 17.81 22.46
N ALA B 168 13.61 17.06 21.78
CA ALA B 168 12.18 17.12 22.03
C ALA B 168 11.71 15.94 22.89
N ALA B 169 12.63 15.02 23.18
CA ALA B 169 12.27 13.79 23.87
C ALA B 169 11.75 14.04 25.30
#